data_9QYT
#
_entry.id   9QYT
#
_cell.length_a   97.21
_cell.length_b   97.21
_cell.length_c   74.67
_cell.angle_alpha   90
_cell.angle_beta   90
_cell.angle_gamma   90
#
_symmetry.space_group_name_H-M   'P 41 21 2'
#
loop_
_entity.id
_entity.type
_entity.pdbx_description
1 polymer 'Leaf-branch compost cutinase'
2 non-polymer 1,2-ETHANEDIOL
3 non-polymer 'SODIUM ION'
4 water water
#
_entity_poly.entity_id   1
_entity_poly.type   'polypeptide(L)'
_entity_poly.pdbx_seq_one_letter_code
;SNPYQRGPNPTRSALTADGPFSVATYTVSRLSVSGFGGGVIYYPTGTSYTFGGIAMSPGYTADASSLAWLGRRLASHGFV
VLVINTNSRFDGPDSRASQLSAALNYLRESSPSAVRARLDANRLAVAGHSMGGGGTLRIAEQNPSLKAAVPLTPWHTDKT
FNTSVPVLIVGAEADTVAPVSQHAIPFYQNLPSTTPKVYVELCNASHIAPNSNNAAISVYTISWMKLWVDNDTRYRQFLC
NVNDPALCDFRTNNRHC
;
_entity_poly.pdbx_strand_id   A
#
loop_
_chem_comp.id
_chem_comp.type
_chem_comp.name
_chem_comp.formula
EDO non-polymer 1,2-ETHANEDIOL 'C2 H6 O2'
NA non-polymer 'SODIUM ION' 'Na 1'
#
# COMPACT_ATOMS: atom_id res chain seq x y z
N SER A 1 -10.87 11.14 21.46
CA SER A 1 -9.81 11.73 20.59
C SER A 1 -9.61 10.81 19.39
N ASN A 2 -9.48 11.43 18.21
CA ASN A 2 -9.26 10.79 16.91
C ASN A 2 -10.52 10.07 16.40
N PRO A 3 -11.39 10.78 15.66
CA PRO A 3 -12.58 10.16 15.06
C PRO A 3 -12.26 8.99 14.13
N TYR A 4 -11.03 8.88 13.57
CA TYR A 4 -10.71 7.82 12.61
C TYR A 4 -10.20 6.52 13.25
N GLN A 5 -10.03 6.54 14.59
CA GLN A 5 -9.52 5.40 15.33
C GLN A 5 -10.41 4.18 15.14
N ARG A 6 -9.80 3.03 14.73
CA ARG A 6 -10.60 1.79 14.67
C ARG A 6 -9.83 0.61 15.25
N GLY A 7 -10.56 -0.38 15.77
CA GLY A 7 -9.92 -1.59 16.29
C GLY A 7 -9.15 -1.43 17.63
N PRO A 8 -8.61 -2.54 18.19
CA PRO A 8 -8.01 -2.55 19.52
C PRO A 8 -6.61 -1.92 19.57
N ASN A 9 -6.07 -1.65 20.76
CA ASN A 9 -4.67 -1.24 20.82
C ASN A 9 -3.81 -2.33 20.17
N PRO A 10 -2.87 -1.99 19.25
CA PRO A 10 -2.22 -3.04 18.48
C PRO A 10 -1.07 -3.76 19.22
N THR A 11 -0.86 -5.04 18.90
CA THR A 11 0.40 -5.68 19.23
C THR A 11 1.05 -6.20 17.95
N ARG A 12 2.36 -6.46 18.02
N ARG A 12 2.39 -6.41 17.95
CA ARG A 12 3.16 -6.84 16.88
CA ARG A 12 3.09 -6.86 16.74
C ARG A 12 2.60 -8.15 16.31
C ARG A 12 2.46 -8.15 16.26
N SER A 13 2.24 -9.08 17.20
CA SER A 13 1.63 -10.36 16.91
C SER A 13 0.36 -10.19 16.07
N ALA A 14 -0.51 -9.29 16.53
CA ALA A 14 -1.82 -9.07 15.92
C ALA A 14 -1.68 -8.56 14.48
N LEU A 15 -0.57 -7.85 14.23
CA LEU A 15 -0.35 -7.28 12.90
C LEU A 15 0.25 -8.30 11.95
N THR A 16 0.48 -9.56 12.41
CA THR A 16 0.98 -10.56 11.48
C THR A 16 -0.14 -11.49 11.02
N ALA A 17 -1.36 -11.22 11.50
CA ALA A 17 -2.50 -12.03 11.10
C ALA A 17 -3.68 -11.12 10.74
N ASP A 18 -4.72 -11.72 10.13
CA ASP A 18 -5.94 -10.96 9.84
C ASP A 18 -6.45 -10.30 11.12
N GLY A 19 -7.08 -9.12 10.97
CA GLY A 19 -7.41 -8.25 12.09
C GLY A 19 -8.83 -8.50 12.57
N PRO A 20 -9.44 -7.58 13.36
CA PRO A 20 -10.72 -7.84 13.97
C PRO A 20 -11.94 -7.69 13.08
N PHE A 21 -11.84 -7.13 11.86
CA PHE A 21 -13.04 -6.91 11.06
C PHE A 21 -13.30 -8.09 10.12
N SER A 22 -14.56 -8.54 10.05
CA SER A 22 -14.97 -9.47 9.01
C SER A 22 -14.80 -8.79 7.64
N VAL A 23 -14.45 -9.58 6.62
CA VAL A 23 -14.19 -9.03 5.31
C VAL A 23 -15.20 -9.57 4.32
N ALA A 24 -15.78 -8.66 3.53
CA ALA A 24 -16.53 -9.00 2.32
C ALA A 24 -15.68 -8.76 1.07
N THR A 25 -16.03 -9.43 -0.03
CA THR A 25 -15.26 -9.22 -1.26
C THR A 25 -16.24 -8.94 -2.39
N TYR A 26 -15.87 -8.05 -3.31
CA TYR A 26 -16.65 -7.81 -4.52
C TYR A 26 -15.75 -7.87 -5.77
N THR A 27 -16.14 -8.64 -6.81
CA THR A 27 -15.36 -8.74 -8.05
C THR A 27 -15.76 -7.65 -9.03
N VAL A 28 -14.82 -6.78 -9.40
CA VAL A 28 -15.11 -5.74 -10.37
C VAL A 28 -14.74 -6.29 -11.75
N SER A 29 -15.71 -6.50 -12.67
CA SER A 29 -15.32 -7.21 -13.89
C SER A 29 -14.52 -6.27 -14.77
N ARG A 30 -13.61 -6.84 -15.58
CA ARG A 30 -12.69 -6.09 -16.42
C ARG A 30 -13.43 -5.14 -17.36
N LEU A 31 -14.52 -5.64 -17.94
CA LEU A 31 -15.18 -4.86 -18.96
C LEU A 31 -16.19 -3.89 -18.34
N SER A 32 -16.45 -3.96 -17.02
CA SER A 32 -17.37 -3.01 -16.41
C SER A 32 -16.77 -1.62 -16.18
N VAL A 33 -15.44 -1.45 -16.35
CA VAL A 33 -14.79 -0.19 -15.99
C VAL A 33 -13.84 0.25 -17.12
N SER A 34 -13.87 1.55 -17.46
CA SER A 34 -12.89 2.05 -18.42
C SER A 34 -11.76 2.58 -17.57
N GLY A 35 -10.53 2.55 -18.03
CA GLY A 35 -9.53 3.14 -17.14
C GLY A 35 -8.70 2.12 -16.35
N PHE A 36 -9.23 0.90 -16.10
CA PHE A 36 -8.37 -0.12 -15.49
C PHE A 36 -9.02 -1.49 -15.77
N GLY A 37 -8.38 -2.59 -15.35
CA GLY A 37 -8.77 -3.94 -15.78
C GLY A 37 -9.65 -4.63 -14.75
N GLY A 38 -10.39 -3.86 -13.96
CA GLY A 38 -11.22 -4.47 -12.93
C GLY A 38 -10.40 -4.86 -11.70
N GLY A 39 -10.89 -5.84 -10.91
CA GLY A 39 -10.09 -6.28 -9.77
C GLY A 39 -11.00 -6.86 -8.69
N VAL A 40 -10.52 -6.84 -7.45
CA VAL A 40 -11.30 -7.33 -6.31
C VAL A 40 -11.26 -6.28 -5.19
N ILE A 41 -12.43 -6.04 -4.60
CA ILE A 41 -12.52 -5.12 -3.45
C ILE A 41 -12.67 -5.97 -2.19
N TYR A 42 -11.77 -5.73 -1.23
CA TYR A 42 -11.86 -6.38 0.09
C TYR A 42 -12.29 -5.27 1.06
N TYR A 43 -13.37 -5.49 1.81
CA TYR A 43 -13.85 -4.36 2.62
C TYR A 43 -14.55 -4.86 3.88
N PRO A 44 -14.60 -4.09 5.00
CA PRO A 44 -15.21 -4.59 6.23
C PRO A 44 -16.71 -4.79 6.09
N THR A 45 -17.19 -5.74 6.90
CA THR A 45 -18.63 -5.97 7.00
C THR A 45 -18.98 -6.25 8.47
N GLY A 46 -20.28 -6.36 8.79
CA GLY A 46 -20.72 -6.51 10.17
C GLY A 46 -20.49 -5.26 11.04
N THR A 47 -20.38 -4.05 10.44
CA THR A 47 -19.93 -2.90 11.24
C THR A 47 -20.62 -1.65 10.71
N SER A 48 -20.80 -0.63 11.57
CA SER A 48 -21.45 0.58 11.12
C SER A 48 -20.42 1.65 10.78
N TYR A 49 -19.13 1.37 10.96
CA TYR A 49 -18.12 2.42 10.75
C TYR A 49 -17.82 2.69 9.26
N THR A 50 -17.19 3.85 8.97
CA THR A 50 -16.53 4.06 7.68
C THR A 50 -15.01 4.01 7.84
N PHE A 51 -14.33 3.76 6.72
CA PHE A 51 -12.87 3.53 6.79
C PHE A 51 -12.18 4.16 5.57
N GLY A 52 -10.86 4.44 5.67
CA GLY A 52 -10.11 4.94 4.52
C GLY A 52 -10.05 3.88 3.41
N GLY A 53 -9.73 4.33 2.19
CA GLY A 53 -9.64 3.36 1.10
C GLY A 53 -8.20 3.28 0.60
N ILE A 54 -7.87 2.16 -0.04
CA ILE A 54 -6.53 1.94 -0.60
C ILE A 54 -6.73 1.34 -1.98
N ALA A 55 -6.05 1.86 -3.01
CA ALA A 55 -5.97 1.20 -4.31
C ALA A 55 -4.59 0.57 -4.43
N MET A 56 -4.53 -0.70 -4.89
N MET A 56 -4.56 -0.72 -4.80
CA MET A 56 -3.26 -1.40 -4.84
CA MET A 56 -3.28 -1.43 -4.91
C MET A 56 -3.01 -2.12 -6.18
C MET A 56 -3.09 -1.94 -6.34
N SER A 57 -1.83 -1.90 -6.79
CA SER A 57 -1.47 -2.50 -8.08
C SER A 57 -0.51 -3.68 -7.94
N PRO A 58 -0.79 -4.80 -8.66
CA PRO A 58 0.16 -5.90 -8.75
C PRO A 58 1.35 -5.53 -9.61
N GLY A 59 2.29 -6.48 -9.79
CA GLY A 59 3.51 -6.19 -10.53
C GLY A 59 3.51 -6.63 -12.01
N TYR A 60 4.61 -6.37 -12.74
CA TYR A 60 4.69 -6.68 -14.16
C TYR A 60 4.42 -8.17 -14.36
N THR A 61 3.60 -8.43 -15.35
CA THR A 61 2.94 -9.67 -15.77
C THR A 61 2.01 -10.30 -14.73
N ALA A 62 1.68 -9.62 -13.62
CA ALA A 62 0.95 -10.26 -12.52
C ALA A 62 -0.54 -9.94 -12.53
N ASP A 63 -1.32 -10.82 -11.86
CA ASP A 63 -2.74 -10.65 -11.64
C ASP A 63 -3.00 -10.13 -10.22
N ALA A 64 -4.21 -9.61 -9.99
CA ALA A 64 -4.55 -9.11 -8.67
C ALA A 64 -4.52 -10.23 -7.62
N SER A 65 -4.74 -11.49 -8.06
CA SER A 65 -4.70 -12.60 -7.12
C SER A 65 -3.35 -12.69 -6.41
N SER A 66 -2.28 -12.13 -7.01
CA SER A 66 -0.96 -12.13 -6.40
C SER A 66 -0.90 -11.34 -5.10
N LEU A 67 -1.85 -10.40 -4.88
CA LEU A 67 -1.80 -9.57 -3.69
C LEU A 67 -3.05 -9.85 -2.86
N ALA A 68 -3.79 -10.90 -3.22
CA ALA A 68 -5.04 -11.18 -2.53
C ALA A 68 -4.81 -11.26 -1.03
N TRP A 69 -3.73 -11.91 -0.58
CA TRP A 69 -3.51 -12.06 0.85
C TRP A 69 -3.43 -10.68 1.53
N LEU A 70 -2.75 -9.73 0.88
CA LEU A 70 -2.51 -8.46 1.54
C LEU A 70 -3.74 -7.55 1.45
N GLY A 71 -4.54 -7.70 0.38
CA GLY A 71 -5.81 -7.00 0.21
C GLY A 71 -6.74 -7.40 1.36
N ARG A 72 -6.84 -8.72 1.58
CA ARG A 72 -7.58 -9.25 2.70
C ARG A 72 -6.99 -8.82 4.04
N ARG A 73 -5.66 -8.90 4.21
CA ARG A 73 -5.05 -8.53 5.46
C ARG A 73 -5.38 -7.06 5.83
N LEU A 74 -5.15 -6.14 4.89
CA LEU A 74 -5.42 -4.74 5.20
C LEU A 74 -6.92 -4.53 5.50
N ALA A 75 -7.82 -5.11 4.71
CA ALA A 75 -9.23 -4.85 4.92
C ALA A 75 -9.65 -5.32 6.31
N SER A 76 -9.12 -6.49 6.74
CA SER A 76 -9.49 -7.02 8.06
C SER A 76 -8.98 -6.16 9.23
N HIS A 77 -7.98 -5.28 8.96
CA HIS A 77 -7.58 -4.29 9.94
C HIS A 77 -8.36 -2.97 9.82
N GLY A 78 -9.30 -2.88 8.87
CA GLY A 78 -10.19 -1.74 8.78
C GLY A 78 -9.82 -0.78 7.62
N PHE A 79 -9.96 -1.26 6.38
CA PHE A 79 -9.73 -0.45 5.18
C PHE A 79 -10.59 -1.02 4.06
N VAL A 80 -11.02 -0.14 3.14
CA VAL A 80 -11.68 -0.60 1.92
C VAL A 80 -10.55 -0.72 0.89
N VAL A 81 -10.29 -1.93 0.37
CA VAL A 81 -9.08 -2.10 -0.46
C VAL A 81 -9.47 -2.64 -1.84
N LEU A 82 -9.10 -1.90 -2.91
CA LEU A 82 -9.31 -2.35 -4.27
C LEU A 82 -7.94 -2.76 -4.84
N VAL A 83 -7.77 -4.07 -5.08
CA VAL A 83 -6.59 -4.63 -5.77
C VAL A 83 -6.96 -4.77 -7.26
N ILE A 84 -6.27 -4.01 -8.14
CA ILE A 84 -6.69 -3.91 -9.54
C ILE A 84 -6.04 -5.04 -10.33
N ASN A 85 -6.70 -5.44 -11.44
CA ASN A 85 -6.01 -5.97 -12.61
C ASN A 85 -5.75 -4.83 -13.57
N THR A 86 -4.62 -4.90 -14.30
CA THR A 86 -4.23 -3.87 -15.26
C THR A 86 -4.85 -4.17 -16.63
N ASN A 87 -5.06 -3.12 -17.43
CA ASN A 87 -5.55 -3.29 -18.81
C ASN A 87 -4.76 -4.33 -19.58
N SER A 88 -3.42 -4.33 -19.45
CA SER A 88 -2.57 -5.39 -19.96
C SER A 88 -1.59 -5.82 -18.88
N ARG A 89 -1.33 -7.12 -18.79
CA ARG A 89 -0.38 -7.57 -17.78
C ARG A 89 1.02 -7.02 -18.09
N PHE A 90 1.19 -6.45 -19.30
CA PHE A 90 2.50 -5.91 -19.68
C PHE A 90 2.61 -4.41 -19.43
N ASP A 91 1.57 -3.79 -18.83
CA ASP A 91 1.60 -2.34 -18.63
C ASP A 91 2.80 -1.92 -17.79
N GLY A 92 3.39 -0.77 -18.14
CA GLY A 92 4.53 -0.33 -17.35
C GLY A 92 4.08 0.50 -16.14
N PRO A 93 5.03 1.09 -15.39
CA PRO A 93 4.71 1.75 -14.11
C PRO A 93 3.80 2.96 -14.22
N ASP A 94 4.04 3.80 -15.24
CA ASP A 94 3.27 5.02 -15.37
C ASP A 94 1.85 4.75 -15.87
N SER A 95 1.70 3.73 -16.70
CA SER A 95 0.37 3.21 -17.03
C SER A 95 -0.37 2.73 -15.76
N ARG A 96 0.35 1.98 -14.91
CA ARG A 96 -0.20 1.56 -13.63
C ARG A 96 -0.62 2.75 -12.75
N ALA A 97 0.19 3.81 -12.69
CA ALA A 97 -0.24 5.02 -11.99
C ALA A 97 -1.62 5.49 -12.48
N SER A 98 -1.80 5.61 -13.81
CA SER A 98 -3.06 6.13 -14.34
C SER A 98 -4.21 5.20 -13.95
N GLN A 99 -3.93 3.91 -13.89
CA GLN A 99 -5.04 2.99 -13.58
C GLN A 99 -5.41 3.00 -12.07
N LEU A 100 -4.43 3.20 -11.20
CA LEU A 100 -4.70 3.44 -9.78
C LEU A 100 -5.58 4.68 -9.67
N SER A 101 -5.27 5.74 -10.46
CA SER A 101 -6.02 6.98 -10.43
C SER A 101 -7.48 6.71 -10.81
N ALA A 102 -7.68 5.88 -11.84
CA ALA A 102 -9.03 5.54 -12.26
C ALA A 102 -9.69 4.70 -11.16
N ALA A 103 -8.92 3.80 -10.56
CA ALA A 103 -9.50 2.88 -9.55
C ALA A 103 -9.94 3.66 -8.32
N LEU A 104 -9.19 4.72 -7.95
CA LEU A 104 -9.55 5.54 -6.80
C LEU A 104 -10.86 6.28 -7.07
N ASN A 105 -11.01 6.81 -8.31
CA ASN A 105 -12.24 7.50 -8.70
C ASN A 105 -13.40 6.50 -8.64
N TYR A 106 -13.15 5.30 -9.15
CA TYR A 106 -14.17 4.26 -9.17
C TYR A 106 -14.66 3.97 -7.75
N LEU A 107 -13.71 3.84 -6.81
CA LEU A 107 -14.06 3.54 -5.43
C LEU A 107 -14.99 4.62 -4.87
N ARG A 108 -14.65 5.91 -5.09
CA ARG A 108 -15.40 7.08 -4.70
C ARG A 108 -16.81 7.08 -5.33
N GLU A 109 -16.93 6.87 -6.66
CA GLU A 109 -18.10 7.30 -7.40
C GLU A 109 -18.98 6.14 -7.86
N SER A 110 -18.39 4.96 -8.10
CA SER A 110 -19.06 3.93 -8.89
C SER A 110 -19.08 2.56 -8.24
N SER A 111 -18.45 2.37 -7.08
CA SER A 111 -18.41 1.02 -6.51
C SER A 111 -19.81 0.70 -5.95
N PRO A 112 -20.09 -0.58 -5.60
CA PRO A 112 -21.42 -0.92 -5.09
C PRO A 112 -21.81 -0.14 -3.83
N SER A 113 -23.11 -0.01 -3.55
CA SER A 113 -23.50 0.82 -2.42
C SER A 113 -22.99 0.23 -1.11
N ALA A 114 -22.88 -1.10 -0.99
CA ALA A 114 -22.39 -1.69 0.25
C ALA A 114 -20.92 -1.32 0.48
N VAL A 115 -20.16 -1.14 -0.61
CA VAL A 115 -18.79 -0.63 -0.50
C VAL A 115 -18.76 0.84 -0.13
N ARG A 116 -19.48 1.66 -0.90
CA ARG A 116 -19.50 3.10 -0.64
C ARG A 116 -19.91 3.40 0.80
N ALA A 117 -20.80 2.57 1.37
CA ALA A 117 -21.27 2.87 2.70
C ALA A 117 -20.19 2.65 3.76
N ARG A 118 -19.14 1.86 3.42
CA ARG A 118 -18.05 1.55 4.34
C ARG A 118 -16.86 2.51 4.15
N LEU A 119 -16.93 3.38 3.14
CA LEU A 119 -15.75 4.17 2.71
C LEU A 119 -15.86 5.65 3.11
N ASP A 120 -14.76 6.19 3.64
CA ASP A 120 -14.65 7.65 3.77
C ASP A 120 -13.67 8.12 2.67
N ALA A 121 -14.18 8.71 1.59
CA ALA A 121 -13.39 8.88 0.37
C ALA A 121 -12.49 10.11 0.57
N ASN A 122 -12.63 10.75 1.73
CA ASN A 122 -11.69 11.83 2.06
C ASN A 122 -10.31 11.32 2.48
N ARG A 123 -10.16 10.00 2.69
CA ARG A 123 -8.96 9.39 3.27
C ARG A 123 -8.55 8.22 2.38
N LEU A 124 -7.65 8.49 1.41
CA LEU A 124 -7.29 7.47 0.43
C LEU A 124 -5.78 7.29 0.34
N ALA A 125 -5.37 6.07 -0.04
CA ALA A 125 -3.95 5.72 -0.10
C ALA A 125 -3.71 4.70 -1.22
N VAL A 126 -2.42 4.48 -1.53
CA VAL A 126 -2.02 3.63 -2.64
C VAL A 126 -0.88 2.70 -2.20
N ALA A 127 -0.80 1.53 -2.86
CA ALA A 127 0.32 0.61 -2.63
C ALA A 127 0.48 -0.25 -3.87
N GLY A 128 1.65 -0.86 -4.02
CA GLY A 128 1.84 -1.65 -5.22
C GLY A 128 3.14 -2.46 -5.18
N HIS A 129 3.09 -3.57 -5.92
CA HIS A 129 4.19 -4.50 -6.08
C HIS A 129 4.93 -4.21 -7.39
N SER A 130 6.25 -4.12 -7.28
CA SER A 130 7.24 -3.92 -8.31
C SER A 130 6.96 -2.68 -9.14
N MET A 131 6.60 -2.97 -10.37
CA MET A 131 6.12 -2.00 -11.36
C MET A 131 4.86 -1.27 -10.87
N GLY A 132 3.96 -2.00 -10.20
CA GLY A 132 2.88 -1.39 -9.42
C GLY A 132 3.39 -0.39 -8.35
N GLY A 133 4.51 -0.70 -7.67
CA GLY A 133 5.16 0.22 -6.72
C GLY A 133 5.72 1.46 -7.42
N GLY A 134 6.29 1.30 -8.63
CA GLY A 134 6.69 2.48 -9.41
C GLY A 134 5.47 3.36 -9.74
N GLY A 135 4.34 2.71 -10.08
CA GLY A 135 3.09 3.43 -10.32
C GLY A 135 2.61 4.17 -9.05
N THR A 136 2.78 3.52 -7.90
CA THR A 136 2.47 4.08 -6.57
C THR A 136 3.24 5.38 -6.32
N LEU A 137 4.53 5.39 -6.65
CA LEU A 137 5.34 6.62 -6.52
C LEU A 137 4.89 7.72 -7.48
N ARG A 138 4.57 7.33 -8.73
CA ARG A 138 4.17 8.28 -9.76
C ARG A 138 2.87 8.97 -9.32
N ILE A 139 1.87 8.17 -8.90
CA ILE A 139 0.63 8.80 -8.53
C ILE A 139 0.75 9.62 -7.24
N ALA A 140 1.66 9.23 -6.34
CA ALA A 140 1.81 10.03 -5.14
C ALA A 140 2.33 11.41 -5.53
N GLU A 141 3.18 11.46 -6.56
CA GLU A 141 3.69 12.76 -7.03
C GLU A 141 2.60 13.51 -7.83
N GLN A 142 1.74 12.82 -8.62
CA GLN A 142 0.75 13.49 -9.45
C GLN A 142 -0.39 14.03 -8.58
N ASN A 143 -0.68 13.30 -7.49
CA ASN A 143 -1.85 13.57 -6.68
C ASN A 143 -1.49 13.60 -5.20
N PRO A 144 -1.05 14.76 -4.69
CA PRO A 144 -0.68 14.85 -3.29
C PRO A 144 -1.81 14.92 -2.27
N SER A 145 -3.06 14.70 -2.70
CA SER A 145 -4.13 14.58 -1.73
C SER A 145 -4.16 13.19 -1.07
N LEU A 146 -3.41 12.22 -1.63
CA LEU A 146 -3.29 10.89 -1.04
C LEU A 146 -2.66 10.95 0.35
N LYS A 147 -3.13 10.08 1.28
CA LYS A 147 -2.64 10.16 2.66
C LYS A 147 -1.31 9.40 2.85
N ALA A 148 -1.01 8.38 2.02
CA ALA A 148 0.15 7.52 2.18
C ALA A 148 0.37 6.72 0.91
N ALA A 149 1.63 6.28 0.74
CA ALA A 149 2.02 5.44 -0.39
C ALA A 149 3.01 4.38 0.10
N VAL A 150 2.73 3.12 -0.22
CA VAL A 150 3.59 2.02 0.19
C VAL A 150 4.03 1.22 -1.04
N PRO A 151 5.19 1.57 -1.63
CA PRO A 151 5.77 0.79 -2.71
C PRO A 151 6.51 -0.47 -2.23
N LEU A 152 6.11 -1.65 -2.77
CA LEU A 152 6.73 -2.91 -2.37
C LEU A 152 7.65 -3.43 -3.48
N THR A 153 8.92 -3.70 -3.12
CA THR A 153 9.98 -4.11 -4.05
C THR A 153 9.80 -3.35 -5.37
N PRO A 154 9.83 -2.02 -5.32
CA PRO A 154 9.41 -1.20 -6.46
C PRO A 154 10.40 -1.18 -7.62
N TRP A 155 9.88 -0.95 -8.83
CA TRP A 155 10.65 -0.81 -10.06
C TRP A 155 10.19 0.45 -10.78
N HIS A 156 11.15 1.32 -11.20
CA HIS A 156 10.79 2.37 -12.15
C HIS A 156 12.11 2.87 -12.76
N THR A 157 12.06 3.36 -14.00
CA THR A 157 13.25 4.02 -14.57
C THR A 157 13.46 5.46 -14.08
N ASP A 158 12.38 6.18 -13.71
CA ASP A 158 12.44 7.51 -13.10
C ASP A 158 12.80 7.30 -11.62
N LYS A 159 13.79 8.06 -11.10
CA LYS A 159 14.31 7.78 -9.78
C LYS A 159 13.90 8.86 -8.77
N THR A 160 13.34 10.00 -9.23
CA THR A 160 13.04 11.11 -8.35
C THR A 160 11.54 11.44 -8.36
N PHE A 161 10.89 11.33 -7.18
CA PHE A 161 9.49 11.73 -7.06
C PHE A 161 9.35 12.84 -6.03
N ASN A 162 8.94 14.03 -6.50
CA ASN A 162 8.76 15.18 -5.62
C ASN A 162 7.34 15.15 -5.01
N THR A 163 7.14 14.34 -3.96
CA THR A 163 5.81 14.22 -3.38
C THR A 163 5.88 14.55 -1.89
N SER A 164 4.79 15.12 -1.36
CA SER A 164 4.66 15.34 0.07
C SER A 164 3.87 14.19 0.72
N VAL A 165 3.44 13.19 -0.05
CA VAL A 165 2.72 12.07 0.53
C VAL A 165 3.70 11.20 1.34
N PRO A 166 3.45 10.89 2.63
CA PRO A 166 4.33 10.01 3.41
C PRO A 166 4.53 8.68 2.70
N VAL A 167 5.80 8.29 2.52
CA VAL A 167 6.14 7.05 1.80
C VAL A 167 6.88 6.05 2.70
N LEU A 168 6.42 4.81 2.71
CA LEU A 168 7.23 3.72 3.23
C LEU A 168 7.52 2.74 2.09
N ILE A 169 8.81 2.50 1.82
CA ILE A 169 9.25 1.55 0.79
C ILE A 169 9.76 0.25 1.42
N VAL A 170 9.28 -0.90 0.92
CA VAL A 170 9.84 -2.20 1.26
C VAL A 170 10.76 -2.68 0.14
N GLY A 171 12.08 -2.80 0.45
CA GLY A 171 13.01 -3.45 -0.45
C GLY A 171 13.30 -4.89 -0.03
N ALA A 172 13.76 -5.72 -0.98
CA ALA A 172 14.13 -7.11 -0.70
C ALA A 172 15.62 -7.26 -1.05
N GLU A 173 16.43 -7.70 -0.07
CA GLU A 173 17.89 -7.68 -0.15
C GLU A 173 18.38 -8.40 -1.39
N ALA A 174 17.80 -9.57 -1.68
CA ALA A 174 18.31 -10.44 -2.71
C ALA A 174 17.51 -10.28 -4.01
N ASP A 175 16.90 -9.09 -4.16
CA ASP A 175 16.05 -8.81 -5.32
C ASP A 175 16.92 -8.62 -6.56
N THR A 176 16.68 -9.45 -7.58
CA THR A 176 17.44 -9.35 -8.81
C THR A 176 16.59 -8.76 -9.93
N VAL A 177 15.27 -8.58 -9.71
CA VAL A 177 14.43 -8.00 -10.76
C VAL A 177 14.54 -6.48 -10.67
N ALA A 178 14.42 -5.97 -9.44
CA ALA A 178 14.55 -4.54 -9.21
C ALA A 178 15.57 -4.36 -8.09
N PRO A 179 16.89 -4.48 -8.38
CA PRO A 179 17.88 -4.42 -7.31
C PRO A 179 17.72 -3.19 -6.43
N VAL A 180 17.81 -3.35 -5.10
CA VAL A 180 17.53 -2.24 -4.19
C VAL A 180 18.51 -1.10 -4.41
N SER A 181 19.73 -1.39 -4.93
CA SER A 181 20.69 -0.31 -5.11
C SER A 181 20.35 0.59 -6.30
N GLN A 182 19.58 0.04 -7.25
N GLN A 182 19.56 0.06 -7.25
CA GLN A 182 19.22 0.75 -8.47
CA GLN A 182 19.24 0.80 -8.47
C GLN A 182 17.85 1.41 -8.28
C GLN A 182 17.79 1.29 -8.43
N HIS A 183 16.97 0.74 -7.54
CA HIS A 183 15.54 1.08 -7.45
C HIS A 183 15.15 1.61 -6.07
N ALA A 184 14.78 0.70 -5.13
CA ALA A 184 14.20 1.08 -3.84
C ALA A 184 14.98 2.19 -3.13
N ILE A 185 16.30 2.04 -3.04
CA ILE A 185 17.09 2.97 -2.25
C ILE A 185 17.17 4.34 -2.92
N PRO A 186 17.52 4.45 -4.21
CA PRO A 186 17.41 5.74 -4.88
C PRO A 186 16.02 6.38 -4.74
N PHE A 187 14.94 5.59 -4.82
CA PHE A 187 13.63 6.20 -4.62
C PHE A 187 13.54 6.86 -3.24
N TYR A 188 14.01 6.13 -2.20
CA TYR A 188 13.99 6.62 -0.83
C TYR A 188 14.80 7.91 -0.71
N GLN A 189 16.01 7.89 -1.26
N GLN A 189 16.03 7.84 -1.24
CA GLN A 189 16.96 8.98 -1.01
CA GLN A 189 16.96 8.95 -1.11
C GLN A 189 16.62 10.22 -1.86
C GLN A 189 16.36 10.21 -1.70
N ASN A 190 15.78 10.06 -2.90
CA ASN A 190 15.41 11.18 -3.77
C ASN A 190 14.08 11.85 -3.41
N LEU A 191 13.25 11.20 -2.57
CA LEU A 191 12.06 11.87 -2.05
C LEU A 191 12.48 13.12 -1.30
N PRO A 192 11.63 14.19 -1.21
CA PRO A 192 11.99 15.41 -0.49
C PRO A 192 12.34 15.12 0.96
N SER A 193 13.35 15.85 1.45
CA SER A 193 13.74 15.57 2.82
C SER A 193 12.68 16.02 3.84
N THR A 194 11.73 16.87 3.43
CA THR A 194 10.66 17.32 4.32
C THR A 194 9.49 16.33 4.29
N THR A 195 9.56 15.31 3.42
CA THR A 195 8.47 14.33 3.39
C THR A 195 8.73 13.22 4.42
N PRO A 196 7.75 12.82 5.28
CA PRO A 196 7.96 11.64 6.11
C PRO A 196 8.21 10.39 5.28
N LYS A 197 9.36 9.73 5.52
CA LYS A 197 9.77 8.62 4.69
C LYS A 197 10.50 7.57 5.52
N VAL A 198 10.22 6.30 5.18
CA VAL A 198 10.83 5.15 5.82
C VAL A 198 11.22 4.19 4.71
N TYR A 199 12.43 3.61 4.82
CA TYR A 199 12.85 2.48 4.01
C TYR A 199 13.12 1.28 4.92
N VAL A 200 12.56 0.12 4.57
CA VAL A 200 12.83 -1.13 5.28
C VAL A 200 13.31 -2.15 4.25
N GLU A 201 14.40 -2.88 4.55
CA GLU A 201 14.88 -3.92 3.65
C GLU A 201 14.79 -5.33 4.25
N LEU A 202 14.09 -6.24 3.57
CA LEU A 202 13.91 -7.58 4.09
C LEU A 202 15.17 -8.43 3.89
N CYS A 203 15.70 -9.01 4.99
CA CYS A 203 16.80 -9.97 4.89
C CYS A 203 16.40 -11.15 4.02
N ASN A 204 17.26 -11.47 3.05
CA ASN A 204 17.21 -12.73 2.31
C ASN A 204 15.96 -12.84 1.44
N ALA A 205 15.41 -11.70 1.02
CA ALA A 205 14.15 -11.79 0.29
C ALA A 205 14.44 -11.52 -1.17
N SER A 206 13.61 -12.10 -2.05
CA SER A 206 13.67 -11.73 -3.45
C SER A 206 12.44 -10.90 -3.81
N HIS A 207 12.29 -10.67 -5.12
CA HIS A 207 11.25 -9.84 -5.69
C HIS A 207 9.87 -10.46 -5.45
N ILE A 208 9.77 -11.75 -5.17
CA ILE A 208 8.43 -12.33 -5.07
C ILE A 208 7.95 -12.36 -3.61
N ALA A 209 8.73 -11.78 -2.70
CA ALA A 209 8.39 -11.78 -1.29
C ALA A 209 6.99 -11.19 -1.03
N PRO A 210 6.56 -10.06 -1.68
CA PRO A 210 5.21 -9.55 -1.49
C PRO A 210 4.08 -10.46 -1.97
N ASN A 211 4.40 -11.50 -2.76
CA ASN A 211 3.35 -12.35 -3.33
C ASN A 211 2.82 -13.40 -2.35
N SER A 212 3.31 -13.44 -1.12
CA SER A 212 2.71 -14.39 -0.18
C SER A 212 2.77 -13.83 1.24
N ASN A 213 1.91 -14.37 2.14
CA ASN A 213 1.85 -13.93 3.53
C ASN A 213 3.26 -13.66 4.09
N ASN A 214 3.54 -12.41 4.48
CA ASN A 214 4.87 -12.01 4.91
C ASN A 214 4.70 -11.09 6.11
N ALA A 215 5.34 -11.46 7.23
CA ALA A 215 5.06 -10.83 8.51
C ALA A 215 5.55 -9.38 8.53
N ALA A 216 6.76 -9.15 8.03
CA ALA A 216 7.28 -7.79 8.02
C ALA A 216 6.42 -6.87 7.13
N ILE A 217 6.09 -7.33 5.92
CA ILE A 217 5.26 -6.56 4.98
C ILE A 217 3.92 -6.23 5.66
N SER A 218 3.35 -7.23 6.34
CA SER A 218 2.09 -7.06 7.07
C SER A 218 2.22 -5.97 8.15
N VAL A 219 3.28 -6.03 8.95
CA VAL A 219 3.39 -5.10 10.06
C VAL A 219 3.62 -3.69 9.54
N TYR A 220 4.55 -3.52 8.60
CA TYR A 220 4.91 -2.16 8.25
C TYR A 220 3.84 -1.49 7.38
N THR A 221 3.20 -2.27 6.51
CA THR A 221 2.13 -1.74 5.66
C THR A 221 0.94 -1.36 6.55
N ILE A 222 0.47 -2.29 7.42
CA ILE A 222 -0.65 -1.92 8.27
C ILE A 222 -0.32 -0.65 9.08
N SER A 223 0.89 -0.62 9.66
CA SER A 223 1.25 0.49 10.51
C SER A 223 1.29 1.81 9.77
N TRP A 224 1.90 1.84 8.58
CA TRP A 224 1.98 3.08 7.82
C TRP A 224 0.57 3.52 7.42
N MET A 225 -0.28 2.57 6.99
CA MET A 225 -1.62 2.97 6.56
C MET A 225 -2.38 3.55 7.77
N LYS A 226 -2.34 2.83 8.90
CA LYS A 226 -3.00 3.27 10.11
C LYS A 226 -2.51 4.65 10.56
N LEU A 227 -1.19 4.89 10.52
CA LEU A 227 -0.66 6.14 11.04
C LEU A 227 -1.17 7.33 10.22
N TRP A 228 -1.22 7.17 8.87
CA TRP A 228 -1.46 8.32 8.02
C TRP A 228 -2.90 8.35 7.51
N VAL A 229 -3.49 7.16 7.22
CA VAL A 229 -4.87 7.20 6.73
C VAL A 229 -5.83 7.46 7.89
N ASP A 230 -5.51 6.97 9.12
CA ASP A 230 -6.42 7.12 10.24
C ASP A 230 -5.83 8.05 11.29
N ASN A 231 -4.67 8.68 11.00
CA ASN A 231 -4.03 9.51 12.02
C ASN A 231 -3.79 8.73 13.33
N ASP A 232 -3.56 7.43 13.25
CA ASP A 232 -3.62 6.59 14.44
C ASP A 232 -2.22 6.40 15.01
N THR A 233 -1.93 7.20 16.06
CA THR A 233 -0.59 7.25 16.66
C THR A 233 -0.28 6.01 17.51
N ARG A 234 -1.27 5.16 17.78
CA ARG A 234 -1.00 3.88 18.41
C ARG A 234 -0.05 3.04 17.57
N TYR A 235 0.17 3.41 16.28
CA TYR A 235 0.95 2.55 15.41
C TYR A 235 2.39 3.12 15.27
N ARG A 236 2.66 4.30 15.84
CA ARG A 236 4.01 4.88 15.77
C ARG A 236 5.04 3.93 16.40
N GLN A 237 4.62 3.21 17.45
CA GLN A 237 5.51 2.27 18.11
C GLN A 237 6.19 1.24 17.18
N PHE A 238 5.50 0.75 16.13
CA PHE A 238 6.13 -0.20 15.24
C PHE A 238 7.09 0.45 14.24
N LEU A 239 7.09 1.79 14.17
CA LEU A 239 7.77 2.47 13.08
C LEU A 239 8.94 3.30 13.64
N CYS A 240 9.05 3.31 14.98
CA CYS A 240 9.98 4.19 15.68
C CYS A 240 10.85 3.33 16.61
N ASN A 241 12.12 3.74 16.82
CA ASN A 241 13.10 2.94 17.56
C ASN A 241 13.03 1.49 17.07
N VAL A 242 13.25 1.33 15.77
CA VAL A 242 13.05 0.01 15.19
C VAL A 242 14.30 -0.83 15.45
N ASN A 243 14.06 -2.07 15.85
CA ASN A 243 15.11 -3.04 16.06
C ASN A 243 14.53 -4.39 15.65
N ASP A 244 14.58 -4.68 14.34
CA ASP A 244 13.78 -5.77 13.80
C ASP A 244 14.73 -6.74 13.11
N PRO A 245 14.84 -7.99 13.63
CA PRO A 245 15.77 -8.95 13.07
C PRO A 245 15.45 -9.34 11.63
N ALA A 246 14.21 -9.10 11.17
CA ALA A 246 13.79 -9.48 9.82
C ALA A 246 14.38 -8.55 8.76
N LEU A 247 14.89 -7.41 9.21
CA LEU A 247 15.34 -6.33 8.33
C LEU A 247 16.86 -6.33 8.25
N CYS A 248 17.39 -6.00 7.08
CA CYS A 248 18.83 -5.93 6.89
C CYS A 248 19.28 -4.52 6.53
N ASP A 249 18.36 -3.57 6.68
CA ASP A 249 18.57 -2.13 6.50
C ASP A 249 17.27 -1.46 6.93
N PHE A 250 17.41 -0.26 7.51
CA PHE A 250 16.31 0.59 7.93
C PHE A 250 16.76 2.04 7.75
N ARG A 251 16.00 2.87 7.04
CA ARG A 251 16.33 4.30 7.01
C ARG A 251 15.08 5.15 7.23
N THR A 252 15.24 6.32 7.86
CA THR A 252 14.11 7.22 8.09
C THR A 252 14.61 8.64 8.39
N ASN A 253 13.80 9.65 8.07
CA ASN A 253 14.04 11.04 8.48
C ASN A 253 13.29 11.37 9.77
N ASN A 254 12.64 10.36 10.35
CA ASN A 254 12.05 10.42 11.68
C ASN A 254 11.01 11.53 11.87
N ARG A 255 10.36 11.99 10.79
CA ARG A 255 9.34 13.03 10.94
C ARG A 255 8.06 12.41 11.52
N HIS A 256 7.95 11.08 11.49
CA HIS A 256 6.71 10.42 11.87
C HIS A 256 6.70 10.03 13.36
N CYS A 257 7.80 10.31 14.07
CA CYS A 257 7.95 9.86 15.44
C CYS A 257 7.77 11.06 16.40
C1 EDO B . 4.97 3.45 -18.66
O1 EDO B . 3.79 2.69 -18.59
C2 EDO B . 5.81 3.62 -17.48
O2 EDO B . 7.01 4.50 -17.62
C1 EDO C . -12.59 13.39 -7.31
O1 EDO C . -11.35 13.64 -6.65
C2 EDO C . -13.84 14.08 -6.97
O2 EDO C . -13.77 14.82 -5.76
NA NA D . 21.64 -5.80 3.42
#